data_2HPQ
#
_entry.id   2HPQ
#
_cell.length_a   123.600
_cell.length_b   123.600
_cell.length_c   101.100
_cell.angle_alpha   90.00
_cell.angle_beta   90.00
_cell.angle_gamma   90.00
#
_symmetry.space_group_name_H-M   'P 41 21 2'
#
loop_
_entity.id
_entity.type
_entity.pdbx_description
1 polymer 'ALPHA-THROMBIN (SMALL SUBUNIT)'
2 polymer 'ALPHA-THROMBIN (LARGE SUBUNIT)'
3 polymer Prothrombin
4 non-polymer D-phenylalanyl-N-[(3S)-6-carbamimidamido-1-chloro-2-oxohexan-3-yl]-L-prolinamide
5 water water
#
loop_
_entity_poly.entity_id
_entity_poly.type
_entity_poly.pdbx_seq_one_letter_code
_entity_poly.pdbx_strand_id
1 'polypeptide(L)' TFGSGEADCGLRPLFEKKSLEDKTERELLESYIDGR L
2 'polypeptide(L)'
;IVEGSDAEIGMSPWQVMLFRKSPQELLCGASLISDRWVLTAAHCLLYPPWDKNFTENDLLVRIGKHSRTRYERNIEKISM
LEKIYIHPRYNWRENLDRDIALMKLKKPVAFSDYIHPVCLPDRETAASLLQAGYKGRVTGWGNLKETWTANVGKGQPSVL
QVVNLPIVERPVCKDSTRIRITDNMFCAGYKPDEGKRGDACEGDSGGPFVMKSPFNNRWYQMGIVSWGEGCDRDGKYGFY
THVFRLKKWIQKVIDQFGE
;
H
3 'polypeptide(L)' CVPDRGQQYQGRLAVTTHGLPCLAWASAQAKALSKHQDFNSAVQLVENFCRNPDGDEEGVWCYVAGKPGDFGYCDLNYC P
#
loop_
_chem_comp.id
_chem_comp.type
_chem_comp.name
_chem_comp.formula
0G7 peptide-like D-phenylalanyl-N-[(3S)-6-carbamimidamido-1-chloro-2-oxohexan-3-yl]-L-prolinamide 'C21 H31 Cl N6 O3'
#
# COMPACT_ATOMS: atom_id res chain seq x y z
N GLY A 5 7.47 4.61 19.43
CA GLY A 5 6.47 4.59 18.36
C GLY A 5 5.72 5.92 18.14
N GLU A 6 4.51 5.75 17.59
CA GLU A 6 3.62 6.86 17.21
C GLU A 6 2.32 6.93 18.03
N ALA A 7 2.17 8.14 18.53
CA ALA A 7 1.04 8.69 19.28
C ALA A 7 1.27 10.21 19.00
N ASP A 8 2.57 10.39 18.88
CA ASP A 8 3.15 11.68 18.57
C ASP A 8 3.24 11.71 17.03
N CYS A 9 2.68 10.67 16.42
CA CYS A 9 2.65 10.47 14.98
C CYS A 9 2.15 11.72 14.23
N GLY A 10 2.46 11.68 12.97
CA GLY A 10 2.17 12.59 11.91
C GLY A 10 2.17 14.06 12.05
N LEU A 11 3.09 14.55 12.83
CA LEU A 11 3.42 15.92 13.19
C LEU A 11 4.93 16.12 12.95
N ARG A 12 5.19 16.86 11.93
CA ARG A 12 6.50 17.23 11.41
C ARG A 12 7.26 18.19 12.28
N PRO A 13 8.44 17.79 12.73
CA PRO A 13 9.23 18.64 13.60
C PRO A 13 9.62 19.88 12.83
N LEU A 14 9.93 19.73 11.56
CA LEU A 14 10.32 21.03 10.92
C LEU A 14 9.15 21.79 10.36
N PHE A 15 7.95 21.49 10.74
CA PHE A 15 6.78 22.20 10.18
C PHE A 15 5.66 22.32 11.21
N GLU A 16 4.73 21.35 11.23
CA GLU A 16 3.70 21.54 12.24
C GLU A 16 4.38 21.98 13.54
N LYS A 17 5.43 21.37 14.03
CA LYS A 17 6.04 21.75 15.28
C LYS A 17 6.81 23.08 15.34
N LYS A 18 7.25 23.62 14.23
CA LYS A 18 7.89 24.96 14.26
C LYS A 18 6.81 25.96 13.91
N SER A 19 5.73 25.38 13.48
CA SER A 19 4.54 26.07 13.02
C SER A 19 4.83 26.73 11.68
N LEU A 20 5.30 25.88 10.79
CA LEU A 20 5.63 26.28 9.41
C LEU A 20 4.77 25.44 8.48
N GLU A 21 4.48 26.15 7.39
CA GLU A 21 3.64 25.52 6.37
C GLU A 21 4.52 25.06 5.22
N ASP A 22 4.28 23.80 4.84
CA ASP A 22 5.15 23.43 3.69
C ASP A 22 4.45 24.08 2.49
N LYS A 23 5.30 24.50 1.59
CA LYS A 23 4.95 25.29 0.40
C LYS A 23 3.73 24.79 -0.41
N THR A 24 3.25 23.57 -0.22
CA THR A 24 2.02 23.15 -0.97
C THR A 24 0.92 22.67 -0.03
N GLU A 25 1.32 22.29 1.17
CA GLU A 25 0.38 21.87 2.23
C GLU A 25 -1.04 22.27 1.93
N ARG A 26 -1.11 23.55 1.67
CA ARG A 26 -2.36 24.25 1.51
C ARG A 26 -3.14 23.93 0.26
N GLU A 27 -2.54 23.54 -0.86
CA GLU A 27 -3.36 23.23 -2.03
C GLU A 27 -4.36 22.13 -1.65
N LEU A 28 -4.00 21.32 -0.67
CA LEU A 28 -4.63 20.18 -0.08
C LEU A 28 -5.73 20.54 0.91
N LEU A 29 -5.39 21.42 1.81
CA LEU A 29 -6.32 21.88 2.87
C LEU A 29 -7.48 22.53 2.16
N GLU A 30 -7.28 23.46 1.25
CA GLU A 30 -8.37 24.11 0.54
C GLU A 30 -9.16 23.11 -0.28
N SER A 31 -8.55 22.09 -0.79
CA SER A 31 -9.27 21.08 -1.59
C SER A 31 -10.35 20.53 -0.66
N TYR A 32 -10.32 20.55 0.65
CA TYR A 32 -11.44 19.98 1.42
C TYR A 32 -12.57 21.02 1.60
N ILE A 33 -12.15 22.21 2.01
CA ILE A 33 -13.14 23.28 2.26
C ILE A 33 -13.87 23.82 1.02
N ASP A 34 -13.10 23.92 -0.05
CA ASP A 34 -13.55 24.42 -1.37
C ASP A 34 -14.61 23.42 -1.87
N ILE B 1 8.45 10.30 -9.67
CA ILE B 1 7.05 10.75 -9.64
C ILE B 1 6.90 11.56 -10.88
N VAL B 2 5.86 11.55 -11.67
CA VAL B 2 5.77 12.36 -12.89
C VAL B 2 5.10 13.70 -12.68
N GLU B 3 5.76 14.74 -13.10
CA GLU B 3 5.32 16.12 -13.03
C GLU B 3 5.06 16.77 -11.69
N GLY B 4 6.02 16.71 -10.80
CA GLY B 4 5.86 17.34 -9.46
C GLY B 4 7.23 17.91 -9.11
N SER B 5 7.56 18.14 -7.87
CA SER B 5 8.88 18.66 -7.51
C SER B 5 9.62 18.11 -6.29
N ASP B 6 10.73 18.85 -6.13
CA ASP B 6 11.74 18.68 -5.09
C ASP B 6 10.97 18.82 -3.77
N ALA B 7 11.06 17.75 -3.00
CA ALA B 7 10.37 17.75 -1.72
C ALA B 7 11.14 18.75 -0.91
N GLU B 8 10.47 19.49 -0.08
CA GLU B 8 11.17 20.46 0.78
C GLU B 8 11.98 19.55 1.70
N ILE B 9 12.94 20.03 2.45
CA ILE B 9 13.67 19.05 3.29
C ILE B 9 13.03 18.99 4.69
N GLY B 10 12.80 17.73 5.07
CA GLY B 10 12.16 17.34 6.33
C GLY B 10 10.63 17.49 6.16
N MET B 11 10.23 17.41 4.93
CA MET B 11 8.82 17.51 4.52
C MET B 11 8.04 16.20 4.68
N SER B 12 8.65 15.06 4.42
CA SER B 12 7.90 13.78 4.56
C SER B 12 8.86 12.85 5.30
N PRO B 13 8.93 13.03 6.61
CA PRO B 13 9.81 12.30 7.50
C PRO B 13 9.49 10.82 7.61
N TRP B 14 8.34 10.40 7.20
CA TRP B 14 7.97 8.97 7.27
C TRP B 14 8.44 8.24 6.01
N GLN B 15 8.90 8.98 5.01
CA GLN B 15 9.36 8.30 3.76
C GLN B 15 10.60 7.46 4.03
N VAL B 16 10.62 6.27 3.47
CA VAL B 16 11.67 5.24 3.55
C VAL B 16 12.13 4.76 2.17
N MET B 17 13.41 4.42 2.09
CA MET B 17 14.05 3.89 0.87
C MET B 17 14.27 2.36 1.07
N LEU B 18 13.58 1.58 0.23
CA LEU B 18 13.71 0.09 0.17
C LEU B 18 14.86 -0.13 -0.81
N PHE B 19 15.99 -0.50 -0.26
CA PHE B 19 17.23 -0.61 -1.03
C PHE B 19 17.84 -2.03 -1.00
N ARG B 20 18.06 -2.55 -2.20
CA ARG B 20 18.68 -3.87 -2.43
C ARG B 20 20.19 -3.70 -2.15
N LYS B 21 20.59 -4.51 -1.19
CA LYS B 21 21.94 -4.55 -0.60
C LYS B 21 23.07 -4.57 -1.59
N SER B 22 22.88 -5.47 -2.55
CA SER B 22 23.94 -5.59 -3.60
C SER B 22 23.34 -6.42 -4.74
N PRO B 23 23.27 -5.92 -5.94
CA PRO B 23 23.68 -4.59 -6.35
C PRO B 23 23.03 -3.50 -5.52
N GLN B 24 23.89 -2.55 -5.17
CA GLN B 24 23.27 -1.42 -4.36
C GLN B 24 22.40 -0.74 -5.41
N GLU B 25 21.12 -0.94 -5.24
CA GLU B 25 20.11 -0.48 -6.19
C GLU B 25 18.83 -0.19 -5.39
N LEU B 26 18.10 0.79 -5.86
CA LEU B 26 16.84 1.21 -5.21
C LEU B 26 15.71 0.34 -5.73
N LEU B 27 14.78 -0.06 -4.88
CA LEU B 27 13.66 -0.91 -5.26
C LEU B 27 12.30 -0.18 -5.29
N CYS B 28 12.02 0.44 -4.16
CA CYS B 28 10.80 1.16 -3.92
C CYS B 28 10.88 1.96 -2.61
N GLY B 29 9.70 2.41 -2.26
CA GLY B 29 9.66 3.18 -1.02
C GLY B 29 8.80 2.44 0.01
N ALA B 30 8.75 3.12 1.16
CA ALA B 30 7.98 2.63 2.31
C ALA B 30 7.71 3.80 3.24
N SER B 31 7.03 3.55 4.33
CA SER B 31 6.69 4.53 5.34
C SER B 31 7.14 4.04 6.72
N LEU B 32 7.26 4.91 7.65
CA LEU B 32 7.64 4.63 9.03
C LEU B 32 6.32 4.73 9.83
N ILE B 33 5.73 3.63 10.28
CA ILE B 33 4.41 3.74 10.98
C ILE B 33 4.56 3.74 12.51
N SER B 34 5.75 3.43 12.93
CA SER B 34 6.13 3.39 14.36
C SER B 34 7.66 3.18 14.37
N ASP B 35 8.28 2.81 15.47
CA ASP B 35 9.77 2.83 15.47
C ASP B 35 10.49 1.48 15.22
N ARG B 36 9.76 0.44 14.88
CA ARG B 36 10.37 -0.87 14.51
C ARG B 36 9.72 -1.38 13.21
N TRP B 37 8.60 -0.72 12.86
CA TRP B 37 7.92 -1.17 11.64
C TRP B 37 7.83 -0.24 10.46
N VAL B 38 7.98 -0.75 9.26
CA VAL B 38 7.89 0.05 8.01
C VAL B 38 6.72 -0.58 7.21
N LEU B 39 6.18 0.10 6.22
CA LEU B 39 4.97 -0.38 5.49
C LEU B 39 5.29 -0.22 3.96
N THR B 40 5.02 -1.25 3.13
CA THR B 40 5.38 -1.16 1.67
C THR B 40 4.43 -1.94 0.76
N ALA B 41 4.69 -1.96 -0.53
CA ALA B 41 3.90 -2.71 -1.54
C ALA B 41 4.43 -4.14 -1.46
N ALA B 42 3.61 -5.17 -1.48
CA ALA B 42 4.16 -6.54 -1.33
C ALA B 42 4.94 -6.93 -2.55
N HIS B 43 4.44 -6.36 -3.65
CA HIS B 43 4.95 -6.57 -5.02
C HIS B 43 6.38 -6.09 -5.18
N CYS B 44 6.70 -5.25 -4.22
CA CYS B 44 8.02 -4.66 -4.12
C CYS B 44 8.86 -5.82 -3.55
N LEU B 45 8.26 -6.81 -2.92
CA LEU B 45 9.09 -7.87 -2.33
C LEU B 45 9.07 -9.21 -2.99
N LEU B 46 7.94 -9.49 -3.51
CA LEU B 46 7.59 -10.72 -4.20
C LEU B 46 6.63 -10.40 -5.31
N TYR B 47 7.01 -10.78 -6.51
CA TYR B 47 6.27 -10.59 -7.76
C TYR B 47 7.06 -11.52 -8.70
N PRO B 48 6.63 -12.77 -8.76
CA PRO B 48 7.20 -13.86 -9.53
C PRO B 48 7.31 -13.67 -11.03
N PRO B 49 6.21 -13.21 -11.57
CA PRO B 49 6.23 -12.95 -13.03
C PRO B 49 7.52 -12.19 -13.31
N TRP B 50 7.98 -11.35 -12.41
CA TRP B 50 9.24 -10.63 -12.68
C TRP B 50 10.38 -11.39 -12.00
N ASP B 51 10.03 -12.58 -11.60
CA ASP B 51 11.03 -13.44 -10.92
C ASP B 51 11.84 -12.59 -9.93
N LYS B 52 11.02 -11.85 -9.17
CA LYS B 52 11.43 -10.96 -8.07
C LYS B 52 10.96 -11.63 -6.78
N ASN B 53 11.86 -11.75 -5.82
CA ASN B 53 11.54 -12.39 -4.54
C ASN B 53 12.61 -12.10 -3.51
N PHE B 54 12.39 -11.17 -2.60
CA PHE B 54 13.45 -10.90 -1.62
C PHE B 54 13.06 -11.41 -0.23
N THR B 55 14.15 -11.60 0.47
CA THR B 55 14.15 -12.07 1.86
C THR B 55 14.68 -10.96 2.71
N GLU B 56 14.37 -10.98 3.97
CA GLU B 56 14.80 -9.96 4.95
C GLU B 56 16.29 -9.68 4.80
N ASN B 57 16.88 -10.28 3.80
CA ASN B 57 18.32 -10.20 3.68
C ASN B 57 18.85 -9.53 2.43
N ASP B 58 18.09 -9.58 1.39
CA ASP B 58 18.50 -8.99 0.13
C ASP B 58 18.47 -7.49 0.28
N LEU B 59 17.51 -7.08 1.06
CA LEU B 59 17.19 -5.73 1.38
C LEU B 59 17.77 -5.06 2.58
N LEU B 60 17.79 -3.75 2.50
CA LEU B 60 18.26 -2.80 3.55
C LEU B 60 17.31 -1.63 3.66
N VAL B 61 17.05 -0.85 4.68
CA VAL B 61 16.05 0.27 4.59
C VAL B 61 16.77 1.59 4.86
N ARG B 62 16.46 2.68 4.21
CA ARG B 62 17.27 3.90 4.53
C ARG B 62 16.29 4.91 5.00
N ILE B 63 16.33 5.24 6.29
CA ILE B 63 15.33 6.23 6.78
C ILE B 63 15.88 7.62 6.92
N GLY B 64 15.24 8.71 6.52
CA GLY B 64 15.82 10.03 6.67
C GLY B 64 16.49 10.71 5.50
N LYS B 65 16.49 10.18 4.31
CA LYS B 65 17.12 10.78 3.13
C LYS B 65 16.45 11.90 2.33
N HIS B 66 17.27 12.70 1.64
CA HIS B 66 16.83 13.79 0.77
C HIS B 66 17.02 13.26 -0.68
N SER B 67 18.33 13.11 -0.89
CA SER B 67 18.99 12.65 -2.06
C SER B 67 18.73 11.21 -2.46
N ARG B 68 18.52 11.05 -3.75
CA ARG B 68 18.34 9.72 -4.31
C ARG B 68 19.68 9.03 -4.30
N THR B 69 20.72 9.85 -4.36
CA THR B 69 22.10 9.36 -4.49
C THR B 69 23.00 9.41 -3.27
N ARG B 70 23.47 10.55 -2.85
CA ARG B 70 24.35 10.66 -1.71
C ARG B 70 23.94 9.86 -0.48
N TYR B 71 24.95 9.45 0.27
CA TYR B 71 24.88 8.71 1.54
C TYR B 71 24.82 9.88 2.55
N GLU B 72 23.70 10.21 3.11
CA GLU B 72 23.70 11.37 4.07
C GLU B 72 24.35 10.93 5.35
N ARG B 73 25.68 10.78 5.41
CA ARG B 73 26.37 10.29 6.60
C ARG B 73 25.80 10.84 7.89
N ASN B 74 25.37 12.04 8.07
CA ASN B 74 24.85 12.29 9.44
C ASN B 74 23.36 12.46 9.57
N ILE B 75 22.52 12.31 8.55
CA ILE B 75 21.06 12.51 8.77
C ILE B 75 20.23 11.24 8.57
N GLU B 76 20.57 10.48 7.56
CA GLU B 76 19.91 9.21 7.22
C GLU B 76 20.37 8.02 8.02
N LYS B 77 19.56 7.06 8.36
CA LYS B 77 19.82 5.80 9.09
C LYS B 77 19.68 4.57 8.18
N ILE B 78 20.72 3.79 7.95
CA ILE B 78 20.66 2.59 7.12
C ILE B 78 20.20 1.54 8.11
N SER B 79 19.05 0.98 8.03
CA SER B 79 18.57 -0.02 9.00
C SER B 79 18.32 -1.37 8.36
N MET B 80 18.33 -2.43 9.19
CA MET B 80 18.13 -3.81 8.66
C MET B 80 16.81 -4.49 9.10
N LEU B 81 16.29 -5.29 8.16
CA LEU B 81 15.04 -6.02 8.33
C LEU B 81 15.27 -7.17 9.27
N GLU B 82 14.20 -7.40 9.98
CA GLU B 82 14.16 -8.50 10.99
C GLU B 82 13.25 -9.60 10.47
N LYS B 83 12.11 -9.17 9.95
CA LYS B 83 11.11 -10.07 9.34
C LYS B 83 10.19 -9.28 8.41
N ILE B 84 9.70 -10.03 7.45
CA ILE B 84 8.80 -9.55 6.39
C ILE B 84 7.40 -10.16 6.55
N TYR B 85 6.42 -9.30 6.45
CA TYR B 85 5.01 -9.72 6.54
C TYR B 85 4.31 -9.37 5.22
N ILE B 86 4.19 -10.40 4.37
CA ILE B 86 3.52 -10.17 3.07
C ILE B 86 2.10 -10.71 3.23
N HIS B 87 1.17 -9.86 2.95
CA HIS B 87 -0.27 -10.12 3.02
C HIS B 87 -0.44 -11.49 2.41
N PRO B 88 -1.19 -12.35 3.07
CA PRO B 88 -1.41 -13.71 2.63
C PRO B 88 -2.27 -13.83 1.38
N ARG B 89 -3.26 -12.96 1.34
CA ARG B 89 -4.15 -13.04 0.18
C ARG B 89 -3.75 -12.02 -0.87
N TYR B 90 -2.46 -11.74 -0.92
CA TYR B 90 -2.00 -10.79 -1.96
C TYR B 90 -2.19 -11.42 -3.35
N ASN B 91 -3.01 -10.93 -4.23
CA ASN B 91 -3.31 -11.46 -5.56
C ASN B 91 -2.49 -10.89 -6.71
N TRP B 92 -1.30 -11.41 -6.71
CA TRP B 92 -0.25 -11.01 -7.71
C TRP B 92 -0.38 -11.68 -9.06
N ARG B 93 -1.35 -12.62 -9.06
CA ARG B 93 -1.57 -13.32 -10.32
C ARG B 93 -2.72 -12.65 -11.07
N GLU B 94 -3.45 -11.77 -10.39
CA GLU B 94 -4.63 -11.16 -11.03
C GLU B 94 -4.49 -9.65 -11.24
N ASN B 95 -4.72 -8.91 -10.18
CA ASN B 95 -4.68 -7.44 -10.19
C ASN B 95 -3.91 -6.92 -9.01
N LEU B 96 -3.02 -7.73 -8.47
CA LEU B 96 -2.26 -7.23 -7.31
C LEU B 96 -3.16 -6.74 -6.17
N ASP B 97 -4.17 -7.48 -5.77
CA ASP B 97 -5.09 -7.10 -4.66
C ASP B 97 -4.36 -7.19 -3.30
N ARG B 98 -4.60 -6.22 -2.44
CA ARG B 98 -3.96 -6.22 -1.14
C ARG B 98 -2.44 -6.18 -1.34
N ASP B 99 -2.04 -5.24 -2.18
CA ASP B 99 -0.57 -5.08 -2.42
C ASP B 99 -0.03 -4.49 -1.12
N ILE B 100 0.02 -5.24 -0.03
CA ILE B 100 0.52 -4.68 1.27
C ILE B 100 1.63 -5.49 1.87
N ALA B 101 2.60 -4.93 2.56
CA ALA B 101 3.72 -5.69 3.16
C ALA B 101 4.20 -4.84 4.36
N LEU B 102 4.57 -5.54 5.42
CA LEU B 102 5.05 -5.05 6.69
C LEU B 102 6.48 -5.50 6.94
N MET B 103 7.41 -4.71 7.40
CA MET B 103 8.78 -5.25 7.62
C MET B 103 9.14 -4.86 9.05
N LYS B 104 9.62 -5.85 9.79
CA LYS B 104 9.99 -5.46 11.17
C LYS B 104 11.52 -5.26 11.17
N LEU B 105 11.95 -4.02 11.52
CA LEU B 105 13.40 -3.73 11.58
C LEU B 105 13.99 -4.30 12.87
N LYS B 106 15.21 -4.80 12.73
CA LYS B 106 15.96 -5.47 13.81
C LYS B 106 16.01 -4.68 15.11
N LYS B 107 16.62 -3.54 15.09
CA LYS B 107 16.64 -2.68 16.28
C LYS B 107 16.00 -1.35 15.90
N PRO B 108 15.22 -0.77 16.80
CA PRO B 108 14.44 0.45 16.54
C PRO B 108 15.23 1.70 16.19
N VAL B 109 14.45 2.60 15.57
CA VAL B 109 14.94 3.91 15.17
C VAL B 109 14.62 5.01 16.19
N ALA B 110 15.54 5.89 16.11
CA ALA B 110 15.67 7.10 16.86
C ALA B 110 15.18 8.22 15.97
N PHE B 111 14.08 8.85 16.32
CA PHE B 111 13.52 9.96 15.51
C PHE B 111 14.45 11.19 15.55
N SER B 112 14.58 11.82 14.39
CA SER B 112 15.32 13.09 14.24
C SER B 112 14.35 14.05 13.57
N ASP B 113 14.86 15.16 13.14
CA ASP B 113 14.03 16.16 12.46
C ASP B 113 13.58 15.58 11.10
N TYR B 114 14.48 14.73 10.65
CA TYR B 114 14.42 14.02 9.41
C TYR B 114 13.69 12.70 9.37
N ILE B 115 13.39 12.16 10.53
CA ILE B 115 12.70 10.89 10.72
C ILE B 115 11.53 10.79 11.67
N HIS B 116 10.30 10.69 11.25
CA HIS B 116 9.11 10.61 12.11
C HIS B 116 8.03 9.77 11.49
N PRO B 117 7.25 9.01 12.24
CA PRO B 117 6.22 8.12 11.75
C PRO B 117 4.94 8.84 11.36
N VAL B 118 4.25 8.29 10.40
CA VAL B 118 2.96 8.82 9.86
C VAL B 118 1.81 8.20 10.63
N CYS B 119 0.54 8.51 10.38
CA CYS B 119 -0.51 7.87 11.20
C CYS B 119 -1.41 7.03 10.30
N LEU B 120 -1.73 5.80 10.59
CA LEU B 120 -2.63 4.88 9.83
C LEU B 120 -3.97 5.55 10.09
N PRO B 121 -4.87 5.53 9.15
CA PRO B 121 -6.11 6.29 9.34
C PRO B 121 -7.08 5.58 10.25
N ASP B 122 -7.96 6.28 10.92
CA ASP B 122 -8.95 5.61 11.78
C ASP B 122 -10.27 5.53 10.97
N ARG B 123 -11.26 4.97 11.64
CA ARG B 123 -12.55 4.86 10.95
C ARG B 123 -13.15 6.21 10.58
N GLU B 124 -13.06 7.21 11.44
CA GLU B 124 -13.69 8.50 11.12
C GLU B 124 -12.86 9.33 10.10
N THR B 125 -11.52 9.39 10.26
CA THR B 125 -10.66 10.16 9.31
C THR B 125 -10.86 9.57 7.90
N ALA B 126 -10.58 8.28 7.85
CA ALA B 126 -10.67 7.48 6.63
C ALA B 126 -11.95 7.85 5.91
N ALA B 127 -12.95 7.91 6.77
CA ALA B 127 -14.34 8.21 6.41
C ALA B 127 -14.68 9.61 5.92
N SER B 128 -14.15 10.61 6.62
CA SER B 128 -14.46 12.00 6.23
C SER B 128 -13.53 12.54 5.17
N LEU B 129 -12.35 11.95 5.11
CA LEU B 129 -11.32 12.36 4.20
C LEU B 129 -11.09 11.69 2.89
N LEU B 130 -11.68 10.54 2.69
CA LEU B 130 -11.49 9.84 1.40
C LEU B 130 -12.65 10.03 0.47
N GLN B 131 -12.59 11.13 -0.25
CA GLN B 131 -13.67 11.45 -1.18
C GLN B 131 -13.18 12.08 -2.47
N ALA B 132 -13.99 11.70 -3.45
CA ALA B 132 -13.64 12.27 -4.78
C ALA B 132 -13.53 13.77 -4.58
N GLY B 133 -12.36 14.27 -5.01
CA GLY B 133 -12.10 15.72 -4.89
C GLY B 133 -10.92 16.10 -4.01
N TYR B 134 -10.96 15.50 -2.83
CA TYR B 134 -9.86 15.74 -1.87
C TYR B 134 -8.59 15.32 -2.58
N LYS B 135 -7.51 15.91 -2.15
CA LYS B 135 -6.16 15.73 -2.63
C LYS B 135 -5.21 15.15 -1.59
N GLY B 136 -4.42 14.23 -2.07
CA GLY B 136 -3.43 13.56 -1.23
C GLY B 136 -2.05 13.95 -1.72
N ARG B 137 -1.01 13.46 -1.11
CA ARG B 137 0.35 13.81 -1.60
C ARG B 137 1.17 12.55 -1.75
N VAL B 138 1.67 12.36 -2.96
CA VAL B 138 2.51 11.20 -3.32
C VAL B 138 3.97 11.65 -3.27
N THR B 139 4.87 10.77 -2.91
CA THR B 139 6.31 10.97 -2.74
C THR B 139 7.14 9.76 -3.22
N GLY B 140 8.24 10.09 -3.92
CA GLY B 140 9.13 9.04 -4.44
C GLY B 140 10.43 9.61 -5.04
N TRP B 141 11.29 8.69 -5.43
CA TRP B 141 12.58 8.75 -6.03
C TRP B 141 12.58 7.94 -7.35
N GLY B 142 11.44 7.55 -7.82
CA GLY B 142 11.41 6.75 -9.07
C GLY B 142 11.17 7.69 -10.26
N ASN B 143 11.17 7.03 -11.40
CA ASN B 143 10.98 7.50 -12.73
C ASN B 143 10.17 8.73 -12.68
N LEU B 144 10.81 9.62 -13.36
CA LEU B 144 10.42 10.96 -13.60
C LEU B 144 9.58 11.03 -14.83
N LYS B 145 9.75 9.99 -15.61
CA LYS B 145 9.09 9.92 -16.87
C LYS B 145 8.65 8.55 -17.25
N GLU B 146 7.52 8.58 -17.94
CA GLU B 146 7.02 7.26 -18.36
C GLU B 146 8.21 6.54 -19.04
N THR B 147 8.73 7.22 -20.05
CA THR B 147 9.83 6.75 -20.89
C THR B 147 10.61 7.92 -21.53
N TRP B 148 11.92 7.64 -21.47
CA TRP B 148 13.01 8.47 -21.96
C TRP B 148 14.12 8.43 -20.88
N GLY B 155 16.67 9.16 -16.37
CA GLY B 155 15.49 9.91 -15.84
C GLY B 155 15.03 9.62 -14.40
N GLN B 156 15.73 10.14 -13.40
CA GLN B 156 15.55 10.04 -11.97
C GLN B 156 15.87 11.31 -11.18
N PRO B 157 15.03 11.44 -10.17
CA PRO B 157 15.16 12.61 -9.32
C PRO B 157 16.46 12.31 -8.57
N SER B 158 17.13 13.34 -8.27
CA SER B 158 18.36 13.58 -7.57
C SER B 158 18.07 13.89 -6.12
N VAL B 159 16.78 14.09 -5.87
CA VAL B 159 16.05 14.36 -4.66
C VAL B 159 14.54 13.99 -4.74
N LEU B 160 14.06 13.94 -3.50
CA LEU B 160 12.67 13.56 -3.27
C LEU B 160 11.68 14.34 -4.12
N GLN B 161 10.82 13.62 -4.80
CA GLN B 161 9.81 14.32 -5.61
C GLN B 161 8.48 14.24 -4.91
N VAL B 162 7.67 15.27 -4.84
CA VAL B 162 6.34 15.28 -4.23
C VAL B 162 5.37 15.76 -5.30
N VAL B 163 4.17 15.29 -5.38
CA VAL B 163 3.11 15.70 -6.33
C VAL B 163 1.81 15.61 -5.52
N ASN B 164 0.79 16.41 -5.72
CA ASN B 164 -0.46 16.25 -4.91
C ASN B 164 -1.56 16.01 -5.97
N LEU B 165 -2.22 14.89 -5.87
CA LEU B 165 -3.26 14.55 -6.83
C LEU B 165 -4.52 14.28 -6.04
N PRO B 166 -5.66 14.61 -6.61
CA PRO B 166 -6.97 14.44 -6.05
C PRO B 166 -7.52 13.00 -6.24
N ILE B 167 -8.42 12.57 -5.40
CA ILE B 167 -9.09 11.25 -5.44
C ILE B 167 -10.15 11.27 -6.53
N VAL B 168 -10.32 10.23 -7.27
CA VAL B 168 -11.24 9.97 -8.38
C VAL B 168 -12.29 8.90 -8.14
N GLU B 169 -13.55 9.10 -8.44
CA GLU B 169 -14.71 8.25 -8.30
C GLU B 169 -14.49 6.84 -8.82
N ARG B 170 -14.97 5.89 -7.99
CA ARG B 170 -14.77 4.46 -8.37
C ARG B 170 -15.15 4.19 -9.81
N PRO B 171 -16.28 4.63 -10.29
CA PRO B 171 -16.69 4.42 -11.67
C PRO B 171 -15.62 4.95 -12.62
N VAL B 172 -15.25 6.21 -12.45
CA VAL B 172 -14.22 6.68 -13.37
C VAL B 172 -13.00 5.76 -13.23
N CYS B 173 -12.71 5.34 -12.00
CA CYS B 173 -11.50 4.51 -11.84
C CYS B 173 -11.60 3.22 -12.64
N LYS B 174 -12.73 2.62 -12.44
CA LYS B 174 -13.24 1.38 -12.97
C LYS B 174 -13.39 1.32 -14.47
N ASP B 175 -13.47 2.46 -15.09
CA ASP B 175 -13.57 2.48 -16.56
C ASP B 175 -12.19 2.99 -16.97
N SER B 176 -11.33 3.24 -16.03
CA SER B 176 -10.02 3.75 -16.47
C SER B 176 -9.35 2.56 -17.16
N THR B 177 -9.73 1.38 -16.65
CA THR B 177 -9.10 0.15 -17.17
C THR B 177 -9.75 -1.22 -17.09
N ARG B 178 -9.08 -2.17 -17.76
CA ARG B 178 -9.34 -3.57 -17.94
C ARG B 178 -9.05 -4.51 -16.78
N ILE B 179 -8.39 -3.92 -15.78
CA ILE B 179 -8.04 -4.73 -14.60
C ILE B 179 -9.15 -4.67 -13.55
N ARG B 180 -9.21 -5.78 -12.77
CA ARG B 180 -10.28 -5.80 -11.75
C ARG B 180 -10.02 -4.83 -10.63
N ILE B 181 -10.73 -3.72 -10.57
CA ILE B 181 -10.48 -2.80 -9.44
C ILE B 181 -11.43 -3.30 -8.32
N THR B 182 -10.81 -3.42 -7.16
CA THR B 182 -11.49 -3.88 -5.96
C THR B 182 -11.70 -2.75 -4.94
N ASP B 183 -12.13 -3.18 -3.76
CA ASP B 183 -12.43 -2.28 -2.63
C ASP B 183 -11.20 -1.99 -1.75
N ASN B 184 -10.07 -2.58 -2.11
CA ASN B 184 -8.81 -2.37 -1.35
C ASN B 184 -7.86 -1.55 -2.15
N MET B 185 -8.46 -0.76 -2.97
CA MET B 185 -7.75 0.15 -3.82
C MET B 185 -8.67 1.30 -4.17
N PHE B 186 -7.92 2.39 -4.36
CA PHE B 186 -8.52 3.69 -4.76
C PHE B 186 -7.65 4.19 -5.94
N CYS B 187 -8.09 5.20 -6.66
CA CYS B 187 -7.23 5.68 -7.79
C CYS B 187 -7.24 7.18 -7.59
N ALA B 188 -6.20 7.90 -7.80
CA ALA B 188 -6.08 9.36 -7.65
C ALA B 188 -5.38 9.85 -8.91
N GLY B 189 -5.67 11.08 -9.28
CA GLY B 189 -5.10 11.71 -10.48
C GLY B 189 -6.02 12.67 -11.19
N TYR B 190 -5.47 13.47 -12.11
CA TYR B 190 -6.28 14.46 -12.82
C TYR B 190 -7.06 13.88 -13.98
N LYS B 191 -8.27 14.42 -14.15
CA LYS B 191 -9.17 14.04 -15.23
C LYS B 191 -8.45 14.71 -16.42
N PRO B 192 -8.77 14.30 -17.61
CA PRO B 192 -8.11 14.87 -18.80
C PRO B 192 -8.45 16.34 -19.01
N ASP B 193 -9.73 16.63 -18.96
CA ASP B 193 -10.32 17.96 -19.13
C ASP B 193 -9.95 18.87 -17.95
N GLU B 194 -9.24 18.33 -16.96
CA GLU B 194 -8.87 19.12 -15.79
C GLU B 194 -7.63 19.96 -15.98
N GLY B 195 -6.91 19.73 -17.06
CA GLY B 195 -5.72 20.51 -17.37
C GLY B 195 -4.72 20.71 -16.25
N LYS B 196 -4.29 19.65 -15.65
CA LYS B 196 -3.27 19.62 -14.57
C LYS B 196 -2.75 18.21 -14.71
N ARG B 197 -1.59 17.91 -14.19
CA ARG B 197 -1.10 16.53 -14.25
C ARG B 197 -0.20 16.18 -13.09
N GLY B 198 0.21 14.93 -13.11
CA GLY B 198 1.06 14.36 -12.08
C GLY B 198 0.64 12.93 -11.77
N ASP B 199 1.68 12.13 -11.54
CA ASP B 199 1.41 10.73 -11.26
C ASP B 199 2.63 10.11 -10.61
N ALA B 200 2.41 8.98 -10.02
CA ALA B 200 3.59 8.31 -9.40
C ALA B 200 3.99 7.48 -10.65
N CYS B 201 5.07 6.82 -10.70
CA CYS B 201 5.51 6.03 -11.85
C CYS B 201 6.43 4.94 -11.30
N GLU B 202 6.91 4.07 -12.18
CA GLU B 202 7.81 2.95 -11.84
C GLU B 202 8.79 3.49 -10.82
N GLY B 203 9.04 2.71 -9.78
CA GLY B 203 9.96 3.02 -8.70
C GLY B 203 9.38 3.66 -7.46
N ASP B 204 8.15 4.12 -7.58
CA ASP B 204 7.40 4.80 -6.54
C ASP B 204 6.72 3.89 -5.54
N SER B 205 6.26 2.78 -6.05
CA SER B 205 5.60 1.75 -5.27
C SER B 205 6.13 1.57 -3.86
N GLY B 206 5.19 1.67 -2.94
CA GLY B 206 5.50 1.54 -1.52
C GLY B 206 5.39 2.91 -0.92
N GLY B 207 5.80 3.94 -1.63
CA GLY B 207 5.69 5.31 -1.06
C GLY B 207 4.27 5.51 -0.49
N PRO B 208 4.14 6.40 0.48
CA PRO B 208 2.87 6.63 1.10
C PRO B 208 1.94 7.57 0.32
N PHE B 209 0.63 7.51 0.30
CA PHE B 209 -0.29 8.47 -0.38
C PHE B 209 -0.87 9.10 0.91
N VAL B 210 -0.40 10.22 1.41
CA VAL B 210 -0.84 10.86 2.65
C VAL B 210 -1.78 12.05 2.48
N MET B 211 -2.50 12.33 3.56
CA MET B 211 -3.49 13.44 3.61
C MET B 211 -3.39 14.12 4.97
N LYS B 212 -3.55 15.43 5.05
CA LYS B 212 -3.45 16.16 6.36
C LYS B 212 -4.77 16.47 7.02
N SER B 213 -5.12 16.08 8.24
CA SER B 213 -6.45 16.41 8.78
C SER B 213 -6.80 17.83 9.07
N PRO B 214 -8.00 18.27 8.67
CA PRO B 214 -8.47 19.64 8.91
C PRO B 214 -8.63 19.84 10.41
N PHE B 215 -9.29 18.84 10.95
CA PHE B 215 -9.68 18.63 12.29
C PHE B 215 -8.69 18.47 13.42
N ASN B 216 -7.56 17.97 13.01
CA ASN B 216 -6.54 17.72 14.05
C ASN B 216 -5.20 18.04 13.50
N ASN B 217 -5.07 18.28 12.24
CA ASN B 217 -3.78 18.62 11.64
C ASN B 217 -2.66 17.60 11.69
N ARG B 218 -2.90 16.33 11.59
CA ARG B 218 -1.80 15.37 11.56
C ARG B 218 -1.87 14.80 10.11
N TRP B 219 -0.80 14.22 9.69
CA TRP B 219 -0.65 13.59 8.37
C TRP B 219 -1.04 12.12 8.49
N TYR B 220 -1.98 11.64 7.71
CA TYR B 220 -2.47 10.27 7.69
C TYR B 220 -2.16 9.56 6.38
N GLN B 221 -1.50 8.41 6.47
CA GLN B 221 -1.15 7.64 5.28
C GLN B 221 -2.49 7.00 4.87
N MET B 222 -2.95 7.26 3.69
CA MET B 222 -4.24 6.66 3.26
C MET B 222 -4.02 5.53 2.25
N GLY B 223 -2.90 5.49 1.55
CA GLY B 223 -2.58 4.46 0.56
C GLY B 223 -1.12 4.19 0.28
N ILE B 224 -0.77 3.21 -0.51
CA ILE B 224 0.63 2.89 -0.84
C ILE B 224 0.77 2.90 -2.33
N VAL B 225 1.80 3.22 -3.02
CA VAL B 225 1.71 3.18 -4.53
C VAL B 225 1.65 1.73 -5.01
N SER B 226 0.50 1.34 -5.57
CA SER B 226 0.38 -0.04 -6.01
C SER B 226 0.68 -0.30 -7.45
N TRP B 227 -0.05 0.06 -8.46
CA TRP B 227 0.23 -0.25 -9.87
C TRP B 227 -0.38 0.90 -10.66
N GLY B 228 -0.41 0.73 -11.93
CA GLY B 228 -0.98 1.79 -12.81
C GLY B 228 -0.49 1.42 -14.22
N GLU B 229 -1.20 1.96 -15.25
CA GLU B 229 -0.67 1.56 -16.62
C GLU B 229 -0.06 2.77 -17.30
N GLY B 230 1.20 2.72 -17.67
CA GLY B 230 1.77 3.97 -18.30
C GLY B 230 2.14 4.79 -17.05
N CYS B 231 2.28 6.06 -17.17
CA CYS B 231 2.63 7.02 -16.15
C CYS B 231 2.26 8.40 -16.73
N ASP B 232 1.15 8.87 -16.22
CA ASP B 232 0.68 10.21 -16.67
C ASP B 232 0.00 10.21 -18.03
N ARG B 233 -0.52 9.00 -18.30
CA ARG B 233 -1.25 8.80 -19.58
C ARG B 233 -2.60 9.50 -19.34
N ASP B 234 -3.10 10.09 -20.42
CA ASP B 234 -4.39 10.80 -20.29
C ASP B 234 -5.51 9.87 -20.06
N GLY B 235 -6.43 10.26 -19.22
CA GLY B 235 -7.61 9.39 -18.99
C GLY B 235 -7.43 8.09 -18.22
N LYS B 236 -6.21 7.89 -17.81
CA LYS B 236 -5.69 6.80 -17.04
C LYS B 236 -5.39 7.40 -15.68
N TYR B 237 -5.77 6.68 -14.68
CA TYR B 237 -5.56 7.10 -13.31
C TYR B 237 -4.61 6.05 -12.70
N GLY B 238 -4.07 6.34 -11.53
CA GLY B 238 -3.10 5.44 -10.89
C GLY B 238 -3.72 4.71 -9.72
N PHE B 239 -3.37 3.48 -9.42
CA PHE B 239 -4.02 2.82 -8.25
C PHE B 239 -3.11 2.82 -7.05
N TYR B 240 -3.71 2.90 -5.89
CA TYR B 240 -3.16 2.93 -4.56
C TYR B 240 -4.01 1.97 -3.71
N THR B 241 -3.24 1.31 -2.84
CA THR B 241 -3.76 0.31 -1.92
C THR B 241 -4.67 1.03 -0.91
N HIS B 242 -5.75 0.42 -0.51
CA HIS B 242 -6.62 1.10 0.50
C HIS B 242 -5.95 0.78 1.83
N VAL B 243 -5.10 1.65 2.40
CA VAL B 243 -4.42 1.24 3.63
C VAL B 243 -5.42 0.90 4.73
N PHE B 244 -6.43 1.73 4.78
CA PHE B 244 -7.41 1.41 5.84
C PHE B 244 -8.00 0.01 5.71
N ARG B 245 -8.74 -0.15 4.64
CA ARG B 245 -9.44 -1.40 4.34
C ARG B 245 -8.56 -2.61 4.71
N LEU B 246 -7.29 -2.35 4.99
CA LEU B 246 -6.33 -3.44 5.31
C LEU B 246 -5.75 -3.36 6.75
N LYS B 247 -6.24 -2.39 7.50
CA LYS B 247 -5.85 -2.06 8.92
C LYS B 247 -5.79 -3.24 9.88
N LYS B 248 -6.86 -4.00 9.86
CA LYS B 248 -7.06 -5.15 10.74
C LYS B 248 -5.84 -6.05 10.75
N TRP B 249 -5.50 -6.49 9.54
CA TRP B 249 -4.33 -7.34 9.32
C TRP B 249 -3.14 -6.62 9.92
N ILE B 250 -3.02 -5.38 9.46
CA ILE B 250 -1.91 -4.54 9.96
C ILE B 250 -1.77 -4.68 11.48
N GLN B 251 -2.86 -4.87 12.20
CA GLN B 251 -2.56 -5.01 13.65
C GLN B 251 -2.46 -6.44 14.10
N LYS B 252 -3.27 -7.30 13.55
CA LYS B 252 -3.18 -8.69 13.97
C LYS B 252 -1.72 -9.14 13.90
N VAL B 253 -0.91 -8.48 13.08
CA VAL B 253 0.50 -8.90 12.91
C VAL B 253 1.47 -8.10 13.79
N ILE B 254 1.12 -6.87 14.12
CA ILE B 254 2.03 -6.00 14.89
C ILE B 254 1.95 -6.30 16.40
N ASP B 255 0.75 -6.49 16.97
CA ASP B 255 0.68 -6.81 18.41
C ASP B 255 0.75 -8.32 18.62
N GLN B 256 0.89 -8.99 17.51
CA GLN B 256 1.14 -10.41 17.50
C GLN B 256 2.66 -10.52 17.48
N PHE B 257 3.15 -10.42 16.25
CA PHE B 257 4.57 -10.47 15.93
C PHE B 257 4.86 -9.86 14.55
N CYS C 1 -29.37 -19.40 -7.39
CA CYS C 1 -27.91 -19.33 -7.30
C CYS C 1 -27.32 -19.53 -5.89
N VAL C 2 -26.24 -18.74 -5.77
CA VAL C 2 -25.42 -18.53 -4.56
C VAL C 2 -25.46 -17.01 -4.33
N PRO C 3 -26.30 -16.55 -3.39
CA PRO C 3 -26.60 -15.12 -3.13
C PRO C 3 -25.45 -14.22 -2.68
N ASP C 4 -25.61 -13.63 -1.47
CA ASP C 4 -24.61 -12.66 -1.01
C ASP C 4 -23.25 -13.35 -1.05
N ARG C 5 -22.67 -13.10 -2.23
CA ARG C 5 -21.37 -13.58 -2.66
C ARG C 5 -21.02 -14.88 -1.95
N GLY C 6 -21.88 -15.86 -2.19
CA GLY C 6 -21.74 -17.21 -1.61
C GLY C 6 -21.25 -17.15 -0.17
N GLN C 7 -21.53 -16.02 0.46
CA GLN C 7 -21.11 -15.78 1.85
C GLN C 7 -21.73 -16.80 2.81
N GLN C 8 -22.47 -17.75 2.25
CA GLN C 8 -23.13 -18.83 3.04
C GLN C 8 -23.40 -20.02 2.13
N TYR C 9 -22.31 -20.74 1.88
CA TYR C 9 -22.29 -21.91 0.98
C TYR C 9 -21.57 -23.08 1.64
N GLN C 10 -22.32 -24.12 1.82
CA GLN C 10 -21.79 -25.35 2.37
C GLN C 10 -21.97 -26.43 1.28
N GLY C 11 -21.18 -26.20 0.24
CA GLY C 11 -21.05 -27.07 -0.95
C GLY C 11 -19.78 -27.84 -0.77
N ARG C 12 -19.44 -28.61 -1.75
CA ARG C 12 -18.21 -29.35 -1.68
C ARG C 12 -17.28 -28.89 -2.79
N LEU C 13 -17.67 -27.81 -3.50
CA LEU C 13 -16.76 -27.26 -4.52
C LEU C 13 -15.39 -27.38 -3.84
N ALA C 14 -14.47 -28.00 -4.48
CA ALA C 14 -13.17 -28.12 -3.79
C ALA C 14 -12.13 -27.92 -4.89
N VAL C 15 -12.45 -26.97 -5.78
CA VAL C 15 -11.47 -26.71 -6.87
C VAL C 15 -11.51 -25.36 -7.56
N THR C 16 -10.28 -24.78 -7.46
CA THR C 16 -9.92 -23.50 -8.08
C THR C 16 -10.46 -23.54 -9.48
N THR C 17 -10.61 -22.38 -10.00
CA THR C 17 -11.29 -22.16 -11.26
C THR C 17 -10.38 -22.46 -12.46
N HIS C 18 -9.19 -22.82 -12.08
CA HIS C 18 -8.07 -23.21 -12.92
C HIS C 18 -7.87 -24.68 -12.78
N GLY C 19 -8.82 -25.18 -12.03
CA GLY C 19 -8.94 -26.57 -11.70
C GLY C 19 -7.83 -27.08 -10.79
N LEU C 20 -7.50 -26.24 -9.80
CA LEU C 20 -6.48 -26.62 -8.82
C LEU C 20 -7.43 -26.95 -7.63
N PRO C 21 -7.07 -28.02 -6.99
CA PRO C 21 -7.82 -28.53 -5.88
C PRO C 21 -7.52 -27.74 -4.61
N CYS C 22 -8.51 -27.42 -3.85
CA CYS C 22 -8.38 -26.69 -2.60
C CYS C 22 -7.55 -27.50 -1.62
N LEU C 23 -6.65 -26.84 -0.91
CA LEU C 23 -5.84 -27.63 0.08
C LEU C 23 -6.74 -27.34 1.30
N ALA C 24 -6.84 -28.33 2.10
CA ALA C 24 -7.54 -28.54 3.34
C ALA C 24 -7.63 -27.32 4.23
N TRP C 25 -8.81 -26.75 4.24
CA TRP C 25 -9.18 -25.57 4.98
C TRP C 25 -8.50 -25.47 6.34
N ALA C 26 -8.22 -26.64 6.80
CA ALA C 26 -7.58 -26.88 8.08
C ALA C 26 -6.20 -27.47 7.94
N SER C 27 -5.71 -27.29 6.72
CA SER C 27 -4.37 -27.75 6.30
C SER C 27 -3.34 -27.22 7.29
N ALA C 28 -2.09 -27.60 7.10
CA ALA C 28 -1.04 -27.12 8.01
C ALA C 28 -0.72 -25.64 7.69
N GLN C 29 -0.63 -25.39 6.39
CA GLN C 29 -0.35 -24.08 5.87
C GLN C 29 -1.67 -23.34 5.63
N ALA C 30 -2.74 -24.01 5.34
CA ALA C 30 -3.98 -23.18 5.11
C ALA C 30 -4.38 -22.63 6.46
N LYS C 31 -3.61 -23.05 7.44
CA LYS C 31 -3.80 -22.61 8.82
C LYS C 31 -2.75 -21.53 9.14
N ALA C 32 -1.71 -21.48 8.30
CA ALA C 32 -0.62 -20.48 8.46
C ALA C 32 -1.13 -19.14 7.93
N LEU C 33 -1.52 -19.23 6.66
CA LEU C 33 -2.06 -18.12 5.87
C LEU C 33 -3.27 -17.62 6.68
N SER C 34 -4.21 -18.50 6.94
CA SER C 34 -5.44 -18.15 7.65
C SER C 34 -5.33 -17.47 9.00
N LYS C 35 -4.15 -17.38 9.56
CA LYS C 35 -3.86 -16.80 10.87
C LYS C 35 -3.93 -15.33 11.19
N HIS C 36 -3.74 -14.35 10.35
CA HIS C 36 -3.82 -12.94 10.73
C HIS C 36 -5.01 -12.35 9.96
N GLN C 37 -5.86 -13.23 9.49
CA GLN C 37 -7.01 -12.75 8.71
C GLN C 37 -8.25 -12.64 9.55
N ASP C 38 -9.30 -12.13 8.91
CA ASP C 38 -10.57 -11.97 9.65
C ASP C 38 -11.80 -12.78 9.31
N PHE C 39 -11.65 -14.09 9.44
CA PHE C 39 -12.77 -15.00 9.10
C PHE C 39 -13.88 -14.80 10.14
N ASN C 40 -15.04 -14.73 9.52
CA ASN C 40 -16.36 -14.57 10.08
C ASN C 40 -16.71 -15.92 10.71
N SER C 41 -16.90 -15.87 12.01
CA SER C 41 -17.29 -17.08 12.76
C SER C 41 -18.76 -17.34 12.46
N ALA C 42 -18.99 -17.41 11.16
CA ALA C 42 -20.29 -17.68 10.55
C ALA C 42 -20.08 -18.50 9.28
N VAL C 43 -19.05 -18.13 8.52
CA VAL C 43 -18.64 -18.96 7.37
C VAL C 43 -17.88 -20.11 8.00
N GLN C 44 -18.44 -21.30 7.90
CA GLN C 44 -17.83 -22.48 8.54
C GLN C 44 -16.96 -23.24 7.54
N LEU C 45 -15.67 -23.13 7.83
CA LEU C 45 -14.61 -23.71 6.99
C LEU C 45 -14.61 -25.23 7.05
N VAL C 46 -15.40 -25.74 6.14
CA VAL C 46 -15.64 -27.16 5.92
C VAL C 46 -14.56 -27.80 5.01
N GLU C 47 -13.90 -28.79 5.59
CA GLU C 47 -12.88 -29.69 4.95
C GLU C 47 -11.86 -28.99 4.04
N ASN C 48 -12.28 -28.83 2.79
CA ASN C 48 -11.46 -28.19 1.75
C ASN C 48 -12.35 -27.70 0.62
N PHE C 49 -13.56 -27.34 1.00
CA PHE C 49 -14.51 -26.74 0.07
C PHE C 49 -14.29 -25.28 0.03
N CYS C 50 -14.71 -24.78 -1.06
CA CYS C 50 -14.66 -23.38 -1.27
C CYS C 50 -15.63 -22.80 -0.26
N ARG C 51 -15.18 -21.65 0.21
CA ARG C 51 -15.93 -20.86 1.24
C ARG C 51 -15.47 -19.39 1.12
N ASN C 52 -16.06 -18.44 1.82
CA ASN C 52 -15.76 -17.00 1.85
C ASN C 52 -15.69 -16.53 3.30
N PRO C 53 -14.71 -16.99 4.10
CA PRO C 53 -14.63 -16.59 5.51
C PRO C 53 -14.45 -15.09 5.63
N ASP C 54 -14.02 -14.58 4.51
CA ASP C 54 -13.58 -13.20 4.24
C ASP C 54 -14.56 -12.02 4.19
N GLY C 55 -15.27 -12.01 3.10
CA GLY C 55 -16.23 -10.95 2.72
C GLY C 55 -16.02 -10.77 1.19
N ASP C 56 -14.89 -11.35 0.80
CA ASP C 56 -14.36 -11.34 -0.56
C ASP C 56 -15.48 -11.05 -1.56
N GLU C 57 -15.48 -9.80 -1.91
CA GLU C 57 -16.40 -9.21 -2.86
C GLU C 57 -16.54 -10.16 -4.04
N GLU C 58 -15.34 -10.70 -4.34
CA GLU C 58 -15.28 -11.65 -5.48
C GLU C 58 -16.15 -12.86 -5.16
N GLY C 59 -15.72 -13.65 -4.18
CA GLY C 59 -16.59 -14.81 -3.85
C GLY C 59 -15.91 -15.80 -2.97
N VAL C 60 -16.26 -17.05 -3.28
CA VAL C 60 -15.63 -18.14 -2.48
C VAL C 60 -14.27 -18.33 -3.18
N TRP C 61 -13.37 -18.80 -2.41
CA TRP C 61 -11.98 -19.08 -2.81
C TRP C 61 -11.45 -20.22 -1.97
N CYS C 62 -10.17 -20.39 -1.80
CA CYS C 62 -9.63 -21.47 -0.94
C CYS C 62 -8.13 -21.39 -1.09
N TYR C 63 -7.34 -21.95 -0.20
CA TYR C 63 -5.87 -21.89 -0.39
C TYR C 63 -5.61 -22.86 -1.53
N VAL C 64 -4.44 -22.89 -2.08
CA VAL C 64 -4.13 -23.81 -3.24
C VAL C 64 -2.70 -24.27 -3.07
N ALA C 65 -2.17 -23.62 -2.04
CA ALA C 65 -0.86 -23.71 -1.48
C ALA C 65 -0.59 -22.87 -0.23
N GLY C 66 0.72 -22.88 0.01
CA GLY C 66 1.40 -22.32 1.19
C GLY C 66 1.73 -20.82 1.14
N LYS C 67 2.58 -20.42 0.22
CA LYS C 67 3.07 -19.00 0.13
C LYS C 67 1.95 -18.05 -0.32
N PRO C 68 2.05 -16.74 -0.03
CA PRO C 68 1.00 -15.79 -0.37
C PRO C 68 0.65 -15.64 -1.84
N GLY C 69 -0.67 -15.73 -1.98
CA GLY C 69 -1.27 -15.60 -3.32
C GLY C 69 -1.52 -16.98 -3.95
N ASP C 70 -1.29 -17.96 -3.07
CA ASP C 70 -1.49 -19.38 -3.43
C ASP C 70 -2.90 -19.71 -2.99
N PHE C 71 -3.81 -18.93 -3.47
CA PHE C 71 -5.24 -18.98 -3.21
C PHE C 71 -6.01 -18.75 -4.49
N GLY C 72 -7.22 -19.23 -4.60
CA GLY C 72 -8.04 -19.00 -5.81
C GLY C 72 -9.56 -19.06 -5.64
N TYR C 73 -10.25 -18.45 -6.61
CA TYR C 73 -11.69 -18.43 -6.60
C TYR C 73 -12.20 -19.76 -7.14
N CYS C 74 -13.40 -20.06 -6.70
CA CYS C 74 -14.32 -21.22 -7.08
C CYS C 74 -15.32 -20.75 -7.86
N ASP C 75 -15.76 -21.66 -8.71
CA ASP C 75 -16.87 -21.25 -9.62
C ASP C 75 -18.31 -21.47 -9.31
N LEU C 76 -18.97 -20.62 -8.54
CA LEU C 76 -20.40 -20.83 -8.29
C LEU C 76 -21.10 -19.81 -9.20
N ASN C 77 -22.40 -19.77 -9.12
CA ASN C 77 -23.21 -18.77 -9.83
C ASN C 77 -23.94 -18.04 -8.74
N TYR C 78 -23.68 -16.75 -8.68
CA TYR C 78 -24.29 -15.93 -7.65
C TYR C 78 -25.49 -15.24 -8.25
N CYS C 79 -26.31 -14.59 -7.42
CA CYS C 79 -27.51 -13.91 -8.02
C CYS C 79 -27.26 -12.37 -7.93
N 0G7 D . 2.26 -1.98 -15.23
CA 0G7 D . 1.69 -2.85 -14.26
C 0G7 D . 2.01 -2.45 -12.82
O 0G7 D . 1.56 -1.36 -12.48
CB 0G7 D . 0.16 -2.80 -14.16
CG 0G7 D . -0.39 -4.06 -13.52
CD1 0G7 D . 0.06 -5.31 -13.94
CD2 0G7 D . -1.36 -4.02 -12.55
CE1 0G7 D . -0.43 -6.49 -13.43
CE2 0G7 D . -1.88 -5.19 -11.99
CZ 0G7 D . -1.40 -6.42 -12.45
N1 0G7 D . 2.69 -3.37 -12.16
CA1 0G7 D . 3.05 -3.16 -10.74
C1 0G7 D . 4.05 -2.01 -10.69
O1 0G7 D . 4.75 -1.97 -11.74
CB1 0G7 D . 3.68 -4.44 -10.25
CG1 0G7 D . 3.73 -5.34 -11.43
CD 0G7 D . 3.14 -4.67 -12.65
N2 0G7 D . 4.08 -1.24 -9.63
CA2 0G7 D . 5.03 -0.10 -9.54
C2 0G7 D . 6.05 -0.32 -8.41
O2 0G7 D . 7.01 0.44 -8.23
CB2 0G7 D . 4.35 1.26 -9.42
CG2 0G7 D . 4.16 2.16 -10.62
CD3 0G7 D . 2.88 1.89 -11.31
NE 0G7 D . 2.40 2.97 -12.18
CZ1 0G7 D . 1.78 4.11 -11.83
NH1 0G7 D . 1.39 4.59 -10.62
NH2 0G7 D . 1.52 4.94 -12.85
C3 0G7 D . 5.88 -1.30 -7.67
#